data_1TPS
#
_entry.id   1TPS
#
_cell.length_a   63.740
_cell.length_b   63.550
_cell.length_c   69.100
_cell.angle_alpha   90.00
_cell.angle_beta   90.00
_cell.angle_gamma   90.00
#
_symmetry.space_group_name_H-M   'P 21 21 21'
#
loop_
_entity.id
_entity.type
_entity.pdbx_description
1 polymer TRYPSIN
2 polymer 'INHIBITOR A90720A'
3 non-polymer 'CALCIUM ION'
4 water water
#
loop_
_entity_poly.entity_id
_entity_poly.type
_entity_poly.pdbx_seq_one_letter_code
_entity_poly.pdbx_strand_id
1 'polypeptide(L)'
;IVGGYTCGANTVPYQVSLNSGYHFCGGSLINSQWVVSAAHCYKSGIQVRLGEDNINVVEGNEQFISASKSIVHPSYNSNT
LNNDIMLIKLKSAASLNSRVASISLPTSCASAGTQCLISGWGNTKSSGTSYPDVLKCLKAPILSDSSCKSAYPGQITSNM
FCAGYLEGGKDSCQGDSGGPVVCSGKLQGIVSWGSGCAQKNKPGVYTKVCNYVSWIKQTIASN
;
A
2 'polypeptide(L)' (OSL)(DLE)TREL(YNM)V B
#
loop_
_chem_comp.id
_chem_comp.type
_chem_comp.name
_chem_comp.formula
CA non-polymer 'CALCIUM ION' 'Ca 2'
OSL non-polymer '(2R)-2-hydroxy-3-(sulfooxy)propanoic acid' 'C3 H6 O7 S'
#
# COMPACT_ATOMS: atom_id res chain seq x y z
N ILE A 1 2.44 0.18 10.67
CA ILE A 1 1.03 0.01 11.11
C ILE A 1 1.00 0.26 12.61
N VAL A 2 0.15 1.18 13.04
CA VAL A 2 -0.01 1.52 14.46
C VAL A 2 -1.27 0.84 15.00
N GLY A 3 -1.15 0.17 16.14
CA GLY A 3 -2.27 -0.50 16.75
C GLY A 3 -2.78 -1.73 16.02
N GLY A 4 -1.93 -2.34 15.21
CA GLY A 4 -2.32 -3.53 14.48
C GLY A 4 -1.86 -4.80 15.18
N TYR A 5 -1.83 -5.91 14.44
CA TYR A 5 -1.40 -7.20 15.00
C TYR A 5 -0.47 -7.89 14.02
N THR A 6 0.28 -8.88 14.50
CA THR A 6 1.19 -9.64 13.66
C THR A 6 0.32 -10.51 12.74
N CYS A 7 0.46 -10.32 11.42
CA CYS A 7 -0.34 -11.08 10.45
C CYS A 7 -0.20 -12.58 10.52
N GLY A 8 1.05 -13.05 10.60
CA GLY A 8 1.33 -14.47 10.58
C GLY A 8 2.08 -14.65 9.28
N ALA A 9 3.17 -15.42 9.32
CA ALA A 9 3.99 -15.64 8.13
C ALA A 9 3.20 -16.06 6.90
N ASN A 10 3.37 -15.30 5.84
CA ASN A 10 2.73 -15.57 4.54
C ASN A 10 1.19 -15.63 4.51
N THR A 11 0.53 -14.94 5.43
CA THR A 11 -0.94 -14.92 5.45
C THR A 11 -1.50 -13.83 4.52
N VAL A 12 -0.61 -13.02 3.98
CA VAL A 12 -0.95 -11.91 3.06
C VAL A 12 0.06 -12.12 1.91
N PRO A 13 -0.15 -13.17 1.09
CA PRO A 13 0.69 -13.56 -0.04
C PRO A 13 0.96 -12.56 -1.17
N TYR A 14 0.11 -11.54 -1.28
CA TYR A 14 0.26 -10.53 -2.33
C TYR A 14 1.07 -9.33 -1.88
N GLN A 15 1.45 -9.30 -0.61
CA GLN A 15 2.21 -8.19 -0.05
C GLN A 15 3.69 -8.27 -0.45
N VAL A 16 4.22 -7.17 -0.98
CA VAL A 16 5.63 -7.12 -1.34
C VAL A 16 6.31 -5.99 -0.59
N SER A 17 7.62 -6.08 -0.52
CA SER A 17 8.45 -5.08 0.13
C SER A 17 9.35 -4.47 -0.95
N LEU A 18 9.39 -3.16 -1.04
CA LEU A 18 10.26 -2.49 -2.00
C LEU A 18 11.53 -2.23 -1.20
N ASN A 19 12.65 -2.69 -1.73
CA ASN A 19 13.93 -2.58 -1.03
C ASN A 19 15.05 -1.93 -1.83
N SER A 20 15.77 -1.02 -1.18
CA SER A 20 16.92 -0.36 -1.80
C SER A 20 18.04 -0.39 -0.76
N GLY A 21 18.27 -1.56 -0.17
CA GLY A 21 19.26 -1.69 0.88
C GLY A 21 18.58 -1.61 2.23
N TYR A 22 17.27 -1.40 2.20
CA TYR A 22 16.42 -1.31 3.37
C TYR A 22 14.99 -1.23 2.83
N HIS A 23 14.03 -1.62 3.66
CA HIS A 23 12.62 -1.58 3.27
C HIS A 23 12.15 -0.12 3.29
N PHE A 24 11.49 0.33 2.23
CA PHE A 24 11.02 1.71 2.25
C PHE A 24 9.54 1.88 1.85
N CYS A 25 8.96 0.87 1.21
CA CYS A 25 7.57 0.93 0.78
C CYS A 25 7.00 -0.47 0.57
N GLY A 26 5.68 -0.58 0.57
CA GLY A 26 5.05 -1.86 0.32
C GLY A 26 4.53 -1.83 -1.10
N GLY A 27 3.83 -2.89 -1.47
CA GLY A 27 3.26 -2.98 -2.80
C GLY A 27 2.40 -4.22 -2.86
N SER A 28 1.64 -4.37 -3.95
CA SER A 28 0.77 -5.52 -4.13
C SER A 28 1.06 -6.20 -5.45
N LEU A 29 1.19 -7.51 -5.40
CA LEU A 29 1.44 -8.30 -6.61
C LEU A 29 0.08 -8.49 -7.29
N ILE A 30 -0.07 -8.01 -8.52
CA ILE A 30 -1.34 -8.16 -9.23
C ILE A 30 -1.34 -9.25 -10.29
N ASN A 31 -0.15 -9.70 -10.66
CA ASN A 31 0.03 -10.82 -11.59
C ASN A 31 1.48 -11.26 -11.43
N SER A 32 1.91 -12.31 -12.12
CA SER A 32 3.26 -12.82 -11.93
C SER A 32 4.40 -11.86 -12.24
N GLN A 33 4.12 -10.79 -12.97
CA GLN A 33 5.17 -9.87 -13.34
C GLN A 33 4.91 -8.41 -13.02
N TRP A 34 3.78 -8.10 -12.37
CA TRP A 34 3.48 -6.70 -12.07
C TRP A 34 3.07 -6.44 -10.63
N VAL A 35 3.56 -5.32 -10.12
CA VAL A 35 3.29 -4.89 -8.76
C VAL A 35 2.70 -3.48 -8.81
N VAL A 36 1.75 -3.20 -7.92
CA VAL A 36 1.13 -1.88 -7.84
C VAL A 36 1.64 -1.26 -6.54
N SER A 37 2.03 0.02 -6.59
CA SER A 37 2.52 0.70 -5.41
C SER A 37 2.15 2.18 -5.53
N ALA A 38 2.69 3.01 -4.66
CA ALA A 38 2.39 4.44 -4.71
C ALA A 38 3.44 5.17 -5.57
N ALA A 39 3.00 6.20 -6.27
CA ALA A 39 3.91 6.97 -7.12
C ALA A 39 5.03 7.61 -6.32
N HIS A 40 4.74 8.04 -5.10
CA HIS A 40 5.79 8.68 -4.29
C HIS A 40 6.85 7.70 -3.76
N CYS A 41 6.66 6.41 -4.03
CA CYS A 41 7.63 5.39 -3.60
C CYS A 41 8.70 5.23 -4.67
N TYR A 42 8.52 5.92 -5.79
CA TYR A 42 9.46 5.83 -6.89
C TYR A 42 10.90 6.22 -6.55
N LYS A 43 11.83 5.44 -7.08
CA LYS A 43 13.25 5.68 -6.96
C LYS A 43 13.93 4.64 -7.84
N SER A 44 15.18 4.89 -8.20
CA SER A 44 15.89 3.93 -9.03
C SER A 44 16.48 2.88 -8.10
N GLY A 45 16.89 1.74 -8.66
CA GLY A 45 17.49 0.70 -7.86
C GLY A 45 16.55 -0.01 -6.91
N ILE A 46 15.33 -0.28 -7.37
CA ILE A 46 14.34 -0.97 -6.55
C ILE A 46 14.42 -2.48 -6.74
N GLN A 47 14.46 -3.19 -5.62
CA GLN A 47 14.45 -4.65 -5.65
C GLN A 47 13.14 -5.03 -4.95
N VAL A 48 12.33 -5.81 -5.63
CA VAL A 48 11.04 -6.23 -5.09
C VAL A 48 11.25 -7.53 -4.32
N ARG A 49 10.78 -7.56 -3.08
CA ARG A 49 10.93 -8.75 -2.25
C ARG A 49 9.57 -9.35 -1.95
N LEU A 50 9.37 -10.56 -2.47
CA LEU A 50 8.11 -11.29 -2.31
C LEU A 50 8.26 -12.43 -1.33
N GLY A 51 7.14 -12.87 -0.76
CA GLY A 51 7.13 -13.98 0.18
C GLY A 51 7.80 -13.69 1.51
N GLU A 52 7.83 -12.41 1.86
CA GLU A 52 8.46 -11.97 3.10
C GLU A 52 7.57 -11.94 4.33
N ASP A 53 8.21 -12.16 5.49
CA ASP A 53 7.56 -12.02 6.77
C ASP A 53 8.58 -11.21 7.56
N ASN A 54 9.59 -11.86 8.10
CA ASN A 54 10.65 -11.14 8.81
C ASN A 54 11.53 -10.55 7.70
N ILE A 55 11.53 -9.22 7.54
CA ILE A 55 12.33 -8.60 6.49
C ILE A 55 13.82 -8.51 6.76
N ASN A 56 14.25 -8.87 7.98
CA ASN A 56 15.67 -8.83 8.31
C ASN A 56 16.35 -10.18 8.28
N VAL A 57 15.57 -11.24 8.13
CA VAL A 57 16.12 -12.59 8.09
C VAL A 57 15.63 -13.38 6.89
N VAL A 58 16.51 -14.15 6.26
CA VAL A 58 16.12 -15.02 5.15
C VAL A 58 15.60 -16.27 5.86
N GLU A 59 14.30 -16.54 5.76
CA GLU A 59 13.66 -17.67 6.42
C GLU A 59 13.21 -18.76 5.45
N GLY A 60 13.21 -18.43 4.17
CA GLY A 60 12.75 -19.36 3.16
C GLY A 60 11.47 -18.77 2.61
N ASN A 61 11.15 -19.08 1.35
CA ASN A 61 9.96 -18.58 0.66
C ASN A 61 10.10 -17.22 -0.02
N GLU A 62 11.20 -16.52 0.27
CA GLU A 62 11.44 -15.21 -0.33
C GLU A 62 11.87 -15.34 -1.79
N GLN A 63 11.53 -14.33 -2.59
CA GLN A 63 11.94 -14.25 -3.97
C GLN A 63 12.35 -12.79 -4.14
N PHE A 64 13.61 -12.56 -4.48
CA PHE A 64 14.13 -11.20 -4.69
C PHE A 64 14.21 -11.01 -6.19
N ILE A 65 13.48 -10.02 -6.72
CA ILE A 65 13.49 -9.78 -8.15
C ILE A 65 13.65 -8.29 -8.40
N SER A 66 14.54 -7.94 -9.32
CA SER A 66 14.77 -6.54 -9.65
C SER A 66 13.62 -5.98 -10.48
N ALA A 67 13.35 -4.69 -10.30
CA ALA A 67 12.31 -4.03 -11.06
C ALA A 67 12.95 -3.71 -12.42
N SER A 68 12.29 -4.10 -13.51
CA SER A 68 12.82 -3.79 -14.83
C SER A 68 12.37 -2.39 -15.26
N LYS A 69 11.19 -1.97 -14.79
CA LYS A 69 10.68 -0.64 -15.10
C LYS A 69 9.62 -0.20 -14.11
N SER A 70 9.63 1.09 -13.78
CA SER A 70 8.67 1.65 -12.84
C SER A 70 7.90 2.71 -13.60
N ILE A 71 6.59 2.58 -13.62
CA ILE A 71 5.73 3.50 -14.34
C ILE A 71 4.86 4.31 -13.41
N VAL A 72 5.30 5.55 -13.14
CA VAL A 72 4.57 6.48 -12.29
C VAL A 72 3.42 7.03 -13.16
N HIS A 73 2.23 7.22 -12.58
CA HIS A 73 1.11 7.75 -13.36
C HIS A 73 1.55 9.08 -13.95
N PRO A 74 1.34 9.27 -15.26
CA PRO A 74 1.72 10.51 -15.97
C PRO A 74 1.19 11.78 -15.34
N SER A 75 0.01 11.68 -14.71
CA SER A 75 -0.63 12.82 -14.07
C SER A 75 -0.44 12.92 -12.55
N TYR A 76 0.54 12.20 -12.01
CA TYR A 76 0.81 12.23 -10.58
C TYR A 76 1.27 13.64 -10.22
N ASN A 77 0.68 14.21 -9.18
CA ASN A 77 1.03 15.55 -8.73
C ASN A 77 1.65 15.42 -7.34
N SER A 78 2.94 15.68 -7.22
CA SER A 78 3.63 15.57 -5.94
C SER A 78 3.15 16.53 -4.86
N ASN A 79 2.51 17.63 -5.25
CA ASN A 79 2.02 18.59 -4.28
C ASN A 79 0.70 18.18 -3.65
N THR A 80 -0.25 17.82 -4.49
CA THR A 80 -1.58 17.41 -4.05
C THR A 80 -1.69 15.92 -3.79
N LEU A 81 -0.73 15.17 -4.32
CA LEU A 81 -0.69 13.72 -4.17
C LEU A 81 -1.83 13.06 -4.96
N ASN A 82 -2.39 13.79 -5.91
CA ASN A 82 -3.45 13.24 -6.73
C ASN A 82 -2.79 12.28 -7.73
N ASN A 83 -3.47 11.16 -8.03
CA ASN A 83 -2.96 10.12 -8.94
C ASN A 83 -1.69 9.47 -8.37
N ASP A 84 -1.71 9.16 -7.08
CA ASP A 84 -0.56 8.55 -6.42
C ASP A 84 -0.54 7.03 -6.63
N ILE A 85 -0.19 6.63 -7.83
CA ILE A 85 -0.15 5.21 -8.19
C ILE A 85 1.01 4.96 -9.15
N MET A 86 1.66 3.81 -8.98
CA MET A 86 2.80 3.41 -9.79
C MET A 86 2.75 1.91 -10.07
N LEU A 87 3.12 1.52 -11.29
CA LEU A 87 3.18 0.12 -11.68
C LEU A 87 4.65 -0.26 -11.81
N ILE A 88 5.03 -1.43 -11.28
CA ILE A 88 6.39 -1.88 -11.38
C ILE A 88 6.40 -3.21 -12.12
N LYS A 89 7.21 -3.29 -13.18
CA LYS A 89 7.32 -4.53 -13.93
C LYS A 89 8.55 -5.27 -13.42
N LEU A 90 8.40 -6.56 -13.11
CA LEU A 90 9.50 -7.37 -12.63
C LEU A 90 10.38 -7.83 -13.78
N LYS A 91 11.68 -7.89 -13.51
CA LYS A 91 12.65 -8.33 -14.50
C LYS A 91 12.31 -9.76 -14.97
N SER A 92 11.80 -10.59 -14.08
CA SER A 92 11.38 -11.95 -14.39
C SER A 92 10.11 -12.27 -13.61
N ALA A 93 9.30 -13.19 -14.12
CA ALA A 93 8.07 -13.54 -13.45
C ALA A 93 8.32 -14.20 -12.10
N ALA A 94 7.46 -13.90 -11.14
CA ALA A 94 7.57 -14.49 -9.82
C ALA A 94 6.97 -15.89 -9.92
N SER A 95 7.41 -16.79 -9.04
CA SER A 95 6.84 -18.14 -9.00
C SER A 95 5.68 -18.08 -8.02
N LEU A 96 4.47 -18.16 -8.55
CA LEU A 96 3.27 -18.09 -7.74
C LEU A 96 3.03 -19.44 -7.07
N ASN A 97 2.71 -19.38 -5.78
CA ASN A 97 2.45 -20.56 -4.98
C ASN A 97 1.57 -20.12 -3.81
N SER A 98 1.46 -20.98 -2.80
CA SER A 98 0.65 -20.67 -1.64
C SER A 98 1.13 -19.43 -0.89
N ARG A 99 2.45 -19.26 -0.79
CA ARG A 99 3.02 -18.12 -0.09
C ARG A 99 3.16 -16.85 -0.92
N VAL A 100 3.17 -17.00 -2.24
CA VAL A 100 3.28 -15.84 -3.12
C VAL A 100 2.14 -15.91 -4.13
N ALA A 101 1.19 -14.99 -4.01
CA ALA A 101 0.02 -14.98 -4.90
C ALA A 101 -0.42 -13.56 -5.20
N SER A 102 -1.12 -13.40 -6.33
CA SER A 102 -1.59 -12.09 -6.74
C SER A 102 -2.97 -11.77 -6.15
N ILE A 103 -3.29 -10.48 -6.09
CA ILE A 103 -4.57 -10.02 -5.56
C ILE A 103 -5.37 -9.45 -6.74
N SER A 104 -6.68 -9.62 -6.72
CA SER A 104 -7.56 -9.14 -7.78
C SER A 104 -7.82 -7.65 -7.76
N LEU A 105 -7.99 -7.09 -8.96
CA LEU A 105 -8.31 -5.67 -9.11
C LEU A 105 -9.82 -5.62 -8.95
N PRO A 106 -10.36 -4.50 -8.44
CA PRO A 106 -11.81 -4.38 -8.27
C PRO A 106 -12.58 -4.15 -9.56
N THR A 107 -13.85 -4.55 -9.55
CA THR A 107 -14.69 -4.36 -10.72
C THR A 107 -15.56 -3.13 -10.45
N SER A 108 -15.70 -2.80 -9.17
CA SER A 108 -16.48 -1.66 -8.74
C SER A 108 -15.82 -1.11 -7.48
N CYS A 109 -16.16 0.12 -7.14
CA CYS A 109 -15.62 0.78 -5.97
C CYS A 109 -16.33 0.31 -4.71
N ALA A 110 -15.61 0.34 -3.59
CA ALA A 110 -16.17 -0.05 -2.30
C ALA A 110 -16.92 1.12 -1.67
N SER A 111 -17.93 0.81 -0.87
CA SER A 111 -18.72 1.85 -0.23
C SER A 111 -18.31 2.07 1.23
N ALA A 112 -18.80 3.14 1.84
CA ALA A 112 -18.48 3.46 3.22
C ALA A 112 -18.91 2.30 4.11
N GLY A 113 -18.12 2.01 5.13
CA GLY A 113 -18.43 0.93 6.02
C GLY A 113 -17.83 -0.40 5.62
N THR A 114 -17.36 -0.54 4.38
CA THR A 114 -16.73 -1.78 3.95
C THR A 114 -15.47 -1.98 4.79
N GLN A 115 -15.33 -3.18 5.33
CA GLN A 115 -14.20 -3.54 6.18
C GLN A 115 -13.05 -4.03 5.30
N CYS A 116 -11.84 -3.53 5.55
CA CYS A 116 -10.67 -3.89 4.76
C CYS A 116 -9.46 -4.28 5.61
N LEU A 117 -8.47 -4.90 4.97
CA LEU A 117 -7.24 -5.30 5.63
C LEU A 117 -6.07 -4.49 5.05
N ILE A 118 -5.36 -3.80 5.92
CA ILE A 118 -4.23 -2.98 5.56
C ILE A 118 -3.02 -3.66 6.20
N SER A 119 -1.91 -3.74 5.49
CA SER A 119 -0.73 -4.41 6.01
C SER A 119 0.56 -3.70 5.61
N GLY A 120 1.63 -3.91 6.38
CA GLY A 120 2.90 -3.30 6.07
C GLY A 120 3.93 -3.44 7.17
N TRP A 121 5.16 -3.04 6.85
CA TRP A 121 6.29 -3.09 7.79
C TRP A 121 6.66 -1.69 8.27
N GLY A 122 5.69 -0.78 8.22
CA GLY A 122 5.93 0.59 8.64
C GLY A 122 5.99 0.78 10.15
N ASN A 123 6.20 2.02 10.54
CA ASN A 123 6.30 2.41 11.94
C ASN A 123 5.07 1.97 12.74
N THR A 124 5.30 1.43 13.94
CA THR A 124 4.22 0.97 14.81
C THR A 124 3.90 1.97 15.93
N LYS A 125 4.62 3.10 15.96
CA LYS A 125 4.39 4.12 16.98
C LYS A 125 3.93 5.44 16.38
N SER A 126 2.94 6.07 17.02
CA SER A 126 2.42 7.36 16.56
C SER A 126 3.32 8.48 17.07
N SER A 127 3.87 8.29 18.25
CA SER A 127 4.77 9.28 18.85
C SER A 127 6.11 8.58 19.06
N GLY A 128 6.94 8.61 18.01
CA GLY A 128 8.25 7.97 18.09
C GLY A 128 8.47 7.10 16.88
N THR A 129 9.47 6.22 16.95
CA THR A 129 9.77 5.35 15.84
C THR A 129 10.12 3.94 16.30
N SER A 130 9.47 2.95 15.69
CA SER A 130 9.72 1.56 16.00
C SER A 130 9.26 0.74 14.81
N TYR A 131 10.22 0.24 14.04
CA TYR A 131 9.93 -0.55 12.86
C TYR A 131 9.97 -2.03 13.20
N PRO A 132 8.93 -2.78 12.84
CA PRO A 132 8.85 -4.21 13.11
C PRO A 132 9.68 -5.07 12.16
N ASP A 133 9.98 -6.28 12.60
CA ASP A 133 10.71 -7.24 11.78
C ASP A 133 9.71 -7.95 10.90
N VAL A 134 8.57 -8.31 11.49
CA VAL A 134 7.52 -9.04 10.79
C VAL A 134 6.36 -8.17 10.32
N LEU A 135 5.61 -8.70 9.35
CA LEU A 135 4.48 -8.00 8.74
C LEU A 135 3.33 -7.78 9.71
N LYS A 136 2.82 -6.55 9.75
CA LYS A 136 1.71 -6.19 10.62
C LYS A 136 0.43 -6.01 9.80
N CYS A 137 -0.69 -6.27 10.45
CA CYS A 137 -2.02 -6.19 9.84
C CYS A 137 -2.96 -5.32 10.65
N LEU A 138 -3.95 -4.73 9.96
CA LEU A 138 -4.95 -3.89 10.61
C LEU A 138 -6.25 -3.97 9.81
N LYS A 139 -7.36 -4.21 10.50
CA LYS A 139 -8.66 -4.24 9.84
C LYS A 139 -9.23 -2.85 10.04
N ALA A 140 -9.69 -2.22 8.97
CA ALA A 140 -10.21 -0.85 9.09
C ALA A 140 -11.32 -0.63 8.08
N PRO A 141 -12.32 0.17 8.44
CA PRO A 141 -13.42 0.42 7.53
C PRO A 141 -13.18 1.66 6.67
N ILE A 142 -13.79 1.68 5.49
CA ILE A 142 -13.70 2.83 4.60
C ILE A 142 -14.68 3.86 5.17
N LEU A 143 -14.22 5.10 5.30
CA LEU A 143 -15.07 6.15 5.86
C LEU A 143 -15.91 6.85 4.79
N SER A 144 -16.97 7.54 5.23
CA SER A 144 -17.82 8.26 4.30
C SER A 144 -17.01 9.44 3.76
N ASP A 145 -17.31 9.86 2.53
CA ASP A 145 -16.62 10.98 1.95
C ASP A 145 -16.81 12.27 2.74
N SER A 146 -17.97 12.43 3.34
CA SER A 146 -18.24 13.63 4.13
C SER A 146 -17.30 13.72 5.33
N SER A 147 -17.08 12.60 6.04
CA SER A 147 -16.18 12.60 7.19
C SER A 147 -14.74 12.82 6.71
N CYS A 148 -14.40 12.20 5.60
CA CYS A 148 -13.07 12.32 5.03
C CYS A 148 -12.77 13.78 4.67
N LYS A 149 -13.71 14.42 3.99
CA LYS A 149 -13.51 15.82 3.61
C LYS A 149 -13.57 16.78 4.79
N SER A 150 -14.24 16.39 5.87
CA SER A 150 -14.31 17.22 7.07
C SER A 150 -12.95 17.16 7.76
N ALA A 151 -12.31 16.00 7.73
CA ALA A 151 -11.00 15.82 8.37
C ALA A 151 -9.88 16.54 7.62
N TYR A 152 -9.97 16.55 6.30
CA TYR A 152 -8.96 17.17 5.45
C TYR A 152 -9.59 18.11 4.43
N PRO A 153 -10.10 19.26 4.89
CA PRO A 153 -10.74 20.26 4.03
C PRO A 153 -9.85 20.68 2.85
N GLY A 154 -10.41 20.57 1.65
CA GLY A 154 -9.71 20.96 0.44
C GLY A 154 -8.55 20.10 -0.02
N GLN A 155 -8.32 18.97 0.65
CA GLN A 155 -7.20 18.10 0.29
C GLN A 155 -7.59 16.76 -0.31
N ILE A 156 -8.86 16.40 -0.21
CA ILE A 156 -9.33 15.11 -0.71
C ILE A 156 -9.82 15.20 -2.15
N THR A 157 -9.21 14.42 -3.03
CA THR A 157 -9.59 14.39 -4.43
C THR A 157 -10.54 13.18 -4.65
N SER A 158 -11.17 13.13 -5.81
CA SER A 158 -12.06 12.03 -6.14
C SER A 158 -11.28 10.71 -6.26
N ASN A 159 -9.96 10.81 -6.33
CA ASN A 159 -9.09 9.63 -6.46
C ASN A 159 -8.53 9.21 -5.10
N MET A 160 -9.18 9.63 -4.03
CA MET A 160 -8.74 9.31 -2.68
C MET A 160 -9.92 8.94 -1.79
N PHE A 161 -9.65 8.15 -0.74
CA PHE A 161 -10.66 7.80 0.23
C PHE A 161 -9.98 7.66 1.58
N CYS A 162 -10.73 7.89 2.64
CA CYS A 162 -10.21 7.75 3.99
C CYS A 162 -10.63 6.40 4.55
N ALA A 163 -9.77 5.80 5.35
CA ALA A 163 -10.06 4.52 5.98
C ALA A 163 -9.40 4.56 7.35
N GLY A 164 -10.08 4.02 8.35
CA GLY A 164 -9.48 4.04 9.67
C GLY A 164 -10.44 4.29 10.80
N TYR A 165 -9.95 4.97 11.84
CA TYR A 165 -10.70 5.25 13.05
C TYR A 165 -10.50 6.68 13.49
N LEU A 166 -11.59 7.43 13.60
CA LEU A 166 -11.51 8.83 14.01
C LEU A 166 -11.06 8.98 15.47
N GLU A 167 -11.28 7.96 16.28
CA GLU A 167 -10.89 8.03 17.69
C GLU A 167 -9.37 7.89 17.86
N GLY A 168 -8.68 7.54 16.77
CA GLY A 168 -7.23 7.38 16.82
C GLY A 168 -6.81 6.02 17.35
N GLY A 169 -5.50 5.79 17.42
CA GLY A 169 -4.98 4.53 17.92
C GLY A 169 -4.66 3.43 16.94
N LYS A 170 -5.27 3.46 15.76
CA LYS A 170 -5.04 2.45 14.73
C LYS A 170 -4.93 3.15 13.39
N ASP A 171 -3.86 2.89 12.64
CA ASP A 171 -3.65 3.56 11.35
C ASP A 171 -2.39 3.01 10.66
N SER A 172 -2.21 3.35 9.39
CA SER A 172 -0.99 2.98 8.69
C SER A 172 -0.02 4.12 9.05
N CYS A 173 1.25 4.02 8.68
CA CYS A 173 2.20 5.06 9.06
C CYS A 173 3.44 5.01 8.13
N GLN A 174 4.46 5.81 8.39
CA GLN A 174 5.66 5.83 7.55
C GLN A 174 6.26 4.45 7.35
N GLY A 175 6.51 4.11 6.09
CA GLY A 175 7.04 2.80 5.75
C GLY A 175 5.95 1.88 5.23
N ASP A 176 4.70 2.30 5.35
CA ASP A 176 3.55 1.52 4.87
C ASP A 176 3.11 1.90 3.47
N SER A 177 3.53 3.09 3.00
CA SER A 177 3.17 3.61 1.67
C SER A 177 3.30 2.57 0.55
N GLY A 178 2.35 2.62 -0.38
CA GLY A 178 2.37 1.70 -1.50
C GLY A 178 1.73 0.36 -1.16
N GLY A 179 1.52 0.11 0.13
CA GLY A 179 0.93 -1.14 0.56
C GLY A 179 -0.54 -1.27 0.19
N PRO A 180 -1.10 -2.49 0.30
CA PRO A 180 -2.48 -2.81 -0.03
C PRO A 180 -3.58 -2.55 1.00
N VAL A 181 -4.76 -2.20 0.48
CA VAL A 181 -5.95 -2.01 1.28
C VAL A 181 -6.87 -2.97 0.51
N VAL A 182 -7.06 -4.15 1.08
CA VAL A 182 -7.87 -5.18 0.45
C VAL A 182 -9.21 -5.36 1.13
N CYS A 183 -10.29 -5.26 0.36
CA CYS A 183 -11.63 -5.40 0.92
C CYS A 183 -12.34 -6.46 0.09
N SER A 184 -12.84 -7.49 0.75
CA SER A 184 -13.54 -8.58 0.09
C SER A 184 -12.71 -9.24 -1.03
N GLY A 185 -11.42 -9.40 -0.80
CA GLY A 185 -10.57 -10.04 -1.79
C GLY A 185 -10.22 -9.20 -3.00
N LYS A 186 -10.51 -7.90 -2.95
CA LYS A 186 -10.19 -6.99 -4.05
C LYS A 186 -9.27 -5.89 -3.54
N LEU A 187 -8.33 -5.46 -4.37
CA LEU A 187 -7.41 -4.37 -4.00
C LEU A 187 -8.13 -3.04 -4.20
N GLN A 188 -8.60 -2.43 -3.12
CA GLN A 188 -9.32 -1.17 -3.23
C GLN A 188 -8.48 0.08 -2.98
N GLY A 189 -7.39 -0.06 -2.24
CA GLY A 189 -6.59 1.12 -1.97
C GLY A 189 -5.10 0.88 -1.86
N ILE A 190 -4.36 1.98 -1.91
CA ILE A 190 -2.90 1.97 -1.80
C ILE A 190 -2.59 2.97 -0.69
N VAL A 191 -1.79 2.57 0.29
CA VAL A 191 -1.41 3.46 1.37
C VAL A 191 -0.75 4.70 0.77
N SER A 192 -1.22 5.89 1.15
CA SER A 192 -0.67 7.11 0.58
C SER A 192 -0.19 8.17 1.58
N TRP A 193 -1.10 8.81 2.30
CA TRP A 193 -0.70 9.86 3.23
C TRP A 193 -1.64 10.06 4.41
N GLY A 194 -1.23 10.96 5.31
CA GLY A 194 -2.02 11.28 6.48
C GLY A 194 -1.28 12.32 7.31
N SER A 195 -2.01 12.99 8.20
CA SER A 195 -1.41 13.99 9.07
C SER A 195 -1.03 13.22 10.32
N GLY A 196 0.26 12.93 10.46
CA GLY A 196 0.72 12.13 11.58
C GLY A 196 0.29 10.68 11.35
N CYS A 197 0.20 9.91 12.43
CA CYS A 197 -0.25 8.52 12.36
C CYS A 197 -1.11 8.23 13.57
N ALA A 198 -2.27 7.63 13.33
CA ALA A 198 -3.20 7.24 14.39
C ALA A 198 -3.65 8.40 15.28
N GLN A 199 -3.68 9.60 14.72
CA GLN A 199 -4.12 10.78 15.45
C GLN A 199 -5.64 10.90 15.41
N LYS A 200 -6.19 11.47 16.48
CA LYS A 200 -7.63 11.67 16.60
C LYS A 200 -8.08 12.55 15.45
N ASN A 201 -9.16 12.14 14.79
CA ASN A 201 -9.75 12.88 13.67
C ASN A 201 -8.87 13.07 12.45
N LYS A 202 -7.81 12.29 12.32
CA LYS A 202 -6.90 12.38 11.18
C LYS A 202 -6.66 10.96 10.65
N PRO A 203 -7.65 10.41 9.93
CA PRO A 203 -7.53 9.06 9.37
C PRO A 203 -6.55 8.97 8.20
N GLY A 204 -6.19 7.74 7.84
CA GLY A 204 -5.28 7.55 6.73
C GLY A 204 -5.99 7.85 5.42
N VAL A 205 -5.26 8.37 4.44
CA VAL A 205 -5.82 8.68 3.12
C VAL A 205 -5.18 7.72 2.14
N TYR A 206 -6.02 7.14 1.29
CA TYR A 206 -5.58 6.13 0.33
C TYR A 206 -5.98 6.40 -1.11
N THR A 207 -5.16 5.92 -2.03
CA THR A 207 -5.43 6.07 -3.46
C THR A 207 -6.56 5.12 -3.79
N LYS A 208 -7.58 5.64 -4.47
CA LYS A 208 -8.77 4.88 -4.84
C LYS A 208 -8.51 4.08 -6.12
N VAL A 209 -8.06 2.85 -5.95
CA VAL A 209 -7.71 1.96 -7.07
C VAL A 209 -8.80 1.70 -8.11
N CYS A 210 -10.06 1.66 -7.70
CA CYS A 210 -11.14 1.42 -8.66
C CYS A 210 -11.17 2.47 -9.78
N ASN A 211 -10.64 3.66 -9.52
CA ASN A 211 -10.61 4.71 -10.53
C ASN A 211 -9.51 4.48 -11.57
N TYR A 212 -8.62 3.52 -11.30
CA TYR A 212 -7.50 3.26 -12.19
C TYR A 212 -7.43 1.91 -12.89
N VAL A 213 -8.47 1.09 -12.75
CA VAL A 213 -8.46 -0.24 -13.37
C VAL A 213 -8.21 -0.21 -14.88
N SER A 214 -8.85 0.72 -15.60
CA SER A 214 -8.67 0.84 -17.05
C SER A 214 -7.23 1.20 -17.38
N TRP A 215 -6.69 2.18 -16.65
CA TRP A 215 -5.31 2.63 -16.86
C TRP A 215 -4.34 1.49 -16.59
N ILE A 216 -4.54 0.79 -15.48
CA ILE A 216 -3.66 -0.32 -15.13
C ILE A 216 -3.66 -1.36 -16.24
N LYS A 217 -4.85 -1.79 -16.67
CA LYS A 217 -4.96 -2.79 -17.71
C LYS A 217 -4.36 -2.36 -19.04
N GLN A 218 -4.66 -1.14 -19.46
CA GLN A 218 -4.14 -0.63 -20.72
C GLN A 218 -2.62 -0.48 -20.70
N THR A 219 -2.08 -0.06 -19.56
CA THR A 219 -0.65 0.11 -19.41
C THR A 219 0.10 -1.23 -19.39
N ILE A 220 -0.43 -2.20 -18.67
CA ILE A 220 0.21 -3.52 -18.61
C ILE A 220 0.18 -4.14 -20.00
N ALA A 221 -0.96 -3.99 -20.69
CA ALA A 221 -1.15 -4.53 -22.02
C ALA A 221 -0.15 -4.04 -23.07
N SER A 222 0.34 -2.81 -22.90
CA SER A 222 1.29 -2.24 -23.84
C SER A 222 2.75 -2.25 -23.37
N ASN A 223 3.03 -2.92 -22.27
CA ASN A 223 4.38 -2.98 -21.72
C ASN A 223 4.84 -4.40 -21.39
C24 OSL B 1 3.56 14.08 7.17
C25 OSL B 1 3.58 13.84 8.67
C26 OSL B 1 3.20 15.14 9.39
O66 OSL B 1 4.44 14.74 6.63
O67 OSL B 1 2.60 12.85 8.94
O68 OSL B 1 1.91 15.56 8.84
S69 OSL B 1 1.34 16.97 9.21
O70 OSL B 1 1.17 16.96 10.70
O71 OSL B 1 2.30 18.03 8.79
O72 OSL B 1 0.03 17.18 8.50
N DLE B 2 2.55 13.54 6.50
CA DLE B 2 2.45 13.64 5.04
CB DLE B 2 1.12 14.32 4.67
CG DLE B 2 0.97 15.76 5.17
CD1 DLE B 2 1.86 16.66 4.35
CD2 DLE B 2 -0.48 16.21 5.10
C DLE B 2 2.47 12.25 4.44
O DLE B 2 1.76 11.37 4.90
N THR B 3 3.30 12.07 3.41
CA THR B 3 3.35 10.79 2.72
C THR B 3 3.94 9.74 3.67
N ARG B 4 3.58 8.48 3.47
CA ARG B 4 3.93 7.48 4.46
C ARG B 4 5.03 6.54 3.96
N GLU B 5 5.97 7.10 3.18
CA GLU B 5 7.22 6.40 2.90
C GLU B 5 8.31 6.94 3.80
N LEU B 6 9.57 6.97 3.31
CA LEU B 6 10.63 7.40 4.26
C LEU B 6 11.52 8.56 3.75
N YNM B 7 11.13 9.81 3.98
CA YNM B 7 9.92 10.14 4.73
C YNM B 7 9.04 11.13 3.98
O YNM B 7 8.57 12.11 4.55
CB YNM B 7 10.28 10.72 6.11
CG YNM B 7 10.84 9.70 7.05
CD1 YNM B 7 10.02 9.08 7.99
CD2 YNM B 7 12.18 9.31 6.99
CE1 YNM B 7 10.51 8.11 8.85
CE2 YNM B 7 12.68 8.32 7.84
OH YNM B 7 12.30 6.77 9.65
CZ YNM B 7 11.83 7.72 8.77
CM YNM B 7 11.94 10.93 3.50
N VAL B 8 8.86 10.89 2.68
CA VAL B 8 7.85 11.61 1.92
C VAL B 8 6.54 10.83 1.89
CA CA C . 12.82 -12.66 5.20
#